data_4WRV
#
_entry.id   4WRV
#
_cell.length_a   46.450
_cell.length_b   59.920
_cell.length_c   73.360
_cell.angle_alpha   90.00
_cell.angle_beta   90.00
_cell.angle_gamma   90.00
#
_symmetry.space_group_name_H-M   'P 21 21 21'
#
loop_
_entity.id
_entity.type
_entity.pdbx_description
1 polymer 'Uracil-DNA glycosylase'
2 non-polymer URACIL
3 non-polymer 'CHLORIDE ION'
4 water water
#
_entity_poly.entity_id   1
_entity_poly.type   'polypeptide(L)'
_entity_poly.pdbx_seq_one_letter_code
;MHHHHHHGMASMTARPLSELVERGWAAALEPVADQVAHMGQFLRAEIAAGRRYLPAGSNVLRAFTFPFDNVRVLIVGQDP
YPTPGHAVGLSFSVAPDVRPWPRSLANIFDEYTADLGYPLPSNGDLTPWAQRGVLLLNRVLTVRPSNPASHRGKGWEAVT
ECAIRALAARAAPLVAILWGRDASTLKPMLAAGNCVAIESPHPSPLSASRGFFGSRPFSRANELLVGMGAEPIDWRLP
;
_entity_poly.pdbx_strand_id   A
#
loop_
_chem_comp.id
_chem_comp.type
_chem_comp.name
_chem_comp.formula
CL non-polymer 'CHLORIDE ION' 'Cl -1'
URA non-polymer URACIL 'C4 H4 N2 O2'
#
# COMPACT_ATOMS: atom_id res chain seq x y z
N PRO A 16 14.38 -17.93 0.36
CA PRO A 16 13.68 -17.79 1.63
C PRO A 16 13.30 -16.33 1.89
N LEU A 17 12.31 -16.08 2.74
CA LEU A 17 11.84 -14.71 2.99
C LEU A 17 12.95 -13.77 3.38
N SER A 18 13.92 -14.25 4.16
CA SER A 18 15.02 -13.39 4.62
C SER A 18 15.78 -12.76 3.46
N GLU A 19 15.79 -13.42 2.30
CA GLU A 19 16.48 -12.91 1.11
C GLU A 19 15.60 -11.96 0.28
N LEU A 20 14.29 -12.02 0.48
CA LEU A 20 13.32 -11.29 -0.36
C LEU A 20 12.83 -9.98 0.26
N VAL A 21 12.78 -9.92 1.58
CA VAL A 21 12.22 -8.77 2.26
C VAL A 21 13.12 -8.35 3.42
N GLU A 22 12.81 -7.21 4.03
CA GLU A 22 13.57 -6.68 5.16
C GLU A 22 13.41 -7.58 6.40
N ARG A 23 14.41 -7.59 7.28
CA ARG A 23 14.49 -8.54 8.41
C ARG A 23 13.21 -8.60 9.27
N GLY A 24 12.71 -7.45 9.72
CA GLY A 24 11.45 -7.37 10.46
C GLY A 24 10.26 -7.96 9.74
N TRP A 25 10.17 -7.66 8.45
CA TRP A 25 9.11 -8.24 7.65
C TRP A 25 9.27 -9.72 7.47
N ALA A 26 10.51 -10.21 7.38
CA ALA A 26 10.72 -11.65 7.22
C ALA A 26 10.19 -12.39 8.43
N ALA A 27 10.44 -11.85 9.62
CA ALA A 27 9.90 -12.43 10.84
C ALA A 27 8.38 -12.30 10.92
N ALA A 28 7.86 -11.12 10.57
CA ALA A 28 6.41 -10.89 10.61
C ALA A 28 5.65 -11.79 9.64
N LEU A 29 6.26 -12.08 8.49
CA LEU A 29 5.59 -12.90 7.47
C LEU A 29 5.93 -14.39 7.54
N GLU A 30 6.64 -14.81 8.58
CA GLU A 30 6.99 -16.21 8.69
C GLU A 30 5.77 -17.15 8.61
N PRO A 31 4.64 -16.80 9.27
CA PRO A 31 3.46 -17.69 9.21
C PRO A 31 2.90 -17.94 7.81
N VAL A 32 3.23 -17.06 6.87
CA VAL A 32 2.82 -17.21 5.47
C VAL A 32 3.99 -17.45 4.52
N ALA A 33 5.12 -17.90 5.03
CA ALA A 33 6.29 -18.13 4.18
C ALA A 33 5.98 -19.12 3.06
N ASP A 34 5.28 -20.20 3.38
CA ASP A 34 4.90 -21.18 2.35
C ASP A 34 3.94 -20.59 1.29
N GLN A 35 3.03 -19.74 1.72
N GLN A 35 3.04 -19.74 1.74
CA GLN A 35 2.11 -19.09 0.78
CA GLN A 35 2.11 -19.06 0.84
C GLN A 35 2.87 -18.11 -0.12
C GLN A 35 2.87 -18.12 -0.09
N VAL A 36 3.87 -17.41 0.42
CA VAL A 36 4.70 -16.51 -0.42
C VAL A 36 5.44 -17.35 -1.49
N ALA A 37 6.05 -18.47 -1.08
CA ALA A 37 6.65 -19.42 -2.03
C ALA A 37 5.65 -19.90 -3.09
N HIS A 38 4.43 -20.22 -2.67
CA HIS A 38 3.39 -20.63 -3.62
C HIS A 38 3.07 -19.53 -4.63
N MET A 39 3.04 -18.28 -4.19
CA MET A 39 2.78 -17.16 -5.15
C MET A 39 3.91 -17.03 -6.17
N GLY A 40 5.13 -17.30 -5.74
CA GLY A 40 6.25 -17.35 -6.70
C GLY A 40 6.03 -18.41 -7.76
N GLN A 41 5.56 -19.58 -7.32
CA GLN A 41 5.20 -20.65 -8.25
C GLN A 41 4.06 -20.25 -9.19
N PHE A 42 3.06 -19.57 -8.65
CA PHE A 42 1.94 -19.06 -9.44
C PHE A 42 2.42 -18.13 -10.55
N LEU A 43 3.31 -17.21 -10.21
CA LEU A 43 3.79 -16.23 -11.17
C LEU A 43 4.61 -16.89 -12.28
N ARG A 44 5.46 -17.85 -11.91
CA ARG A 44 6.20 -18.61 -12.92
C ARG A 44 5.27 -19.38 -13.83
N ALA A 45 4.24 -19.98 -13.24
CA ALA A 45 3.26 -20.71 -14.03
C ALA A 45 2.48 -19.79 -14.98
N GLU A 46 2.28 -18.54 -14.60
CA GLU A 46 1.62 -17.59 -15.50
C GLU A 46 2.46 -17.36 -16.75
N ILE A 47 3.76 -17.15 -16.59
N ILE A 47 3.76 -17.15 -16.56
CA ILE A 47 4.63 -16.96 -17.73
CA ILE A 47 4.69 -16.98 -17.65
C ILE A 47 4.65 -18.25 -18.57
C ILE A 47 4.69 -18.23 -18.55
N ALA A 48 4.71 -19.41 -17.92
CA ALA A 48 4.68 -20.68 -18.68
C ALA A 48 3.38 -20.83 -19.46
N ALA A 49 2.28 -20.31 -18.92
CA ALA A 49 0.96 -20.37 -19.58
C ALA A 49 0.76 -19.29 -20.64
N GLY A 50 1.72 -18.39 -20.79
CA GLY A 50 1.65 -17.35 -21.79
C GLY A 50 0.93 -16.09 -21.39
N ARG A 51 0.78 -15.89 -20.10
CA ARG A 51 0.20 -14.67 -19.57
C ARG A 51 1.32 -13.87 -18.91
N ARG A 52 1.10 -12.57 -18.78
CA ARG A 52 2.07 -11.65 -18.19
C ARG A 52 1.57 -11.24 -16.82
N TYR A 53 2.44 -10.62 -16.04
CA TYR A 53 2.02 -10.01 -14.78
C TYR A 53 2.79 -8.73 -14.55
N LEU A 54 2.18 -7.86 -13.74
CA LEU A 54 2.75 -6.62 -13.27
C LEU A 54 2.55 -6.60 -11.75
N PRO A 55 3.40 -5.88 -11.01
CA PRO A 55 4.63 -5.24 -11.46
C PRO A 55 5.70 -6.27 -11.78
N ALA A 56 6.85 -5.77 -12.16
CA ALA A 56 8.01 -6.62 -12.40
C ALA A 56 8.27 -7.48 -11.15
N GLY A 57 8.76 -8.70 -11.38
CA GLY A 57 9.00 -9.64 -10.30
C GLY A 57 9.77 -9.03 -9.16
N SER A 58 10.80 -8.25 -9.50
CA SER A 58 11.68 -7.66 -8.49
C SER A 58 10.98 -6.60 -7.65
N ASN A 59 9.84 -6.10 -8.10
CA ASN A 59 9.07 -5.09 -7.39
C ASN A 59 7.83 -5.62 -6.66
N VAL A 60 7.50 -6.89 -6.85
CA VAL A 60 6.23 -7.42 -6.30
C VAL A 60 6.15 -7.20 -4.78
N LEU A 61 7.24 -7.51 -4.08
CA LEU A 61 7.29 -7.41 -2.63
C LEU A 61 7.96 -6.11 -2.13
N ARG A 62 8.00 -5.09 -2.98
CA ARG A 62 8.76 -3.89 -2.66
C ARG A 62 8.30 -3.20 -1.38
N ALA A 63 7.01 -3.23 -1.07
CA ALA A 63 6.53 -2.57 0.13
C ALA A 63 7.18 -3.19 1.40
N PHE A 64 7.56 -4.45 1.34
CA PHE A 64 8.13 -5.14 2.47
C PHE A 64 9.66 -5.03 2.50
N THR A 65 10.24 -4.15 1.68
CA THR A 65 11.68 -3.92 1.71
C THR A 65 12.05 -2.69 2.54
N PHE A 66 11.04 -2.00 3.05
CA PHE A 66 11.22 -0.90 4.00
C PHE A 66 10.90 -1.46 5.39
N PRO A 67 11.62 -1.01 6.44
CA PRO A 67 11.54 -1.67 7.76
C PRO A 67 10.17 -1.75 8.45
N PHE A 68 9.81 -2.98 8.80
CA PHE A 68 8.58 -3.28 9.51
C PHE A 68 8.39 -2.45 10.76
N ASP A 69 9.45 -2.36 11.58
CA ASP A 69 9.33 -1.68 12.87
C ASP A 69 9.10 -0.18 12.74
N ASN A 70 9.45 0.40 11.60
CA ASN A 70 9.36 1.85 11.42
C ASN A 70 8.11 2.32 10.70
N VAL A 71 7.24 1.37 10.32
CA VAL A 71 5.98 1.76 9.68
C VAL A 71 5.09 2.51 10.67
N ARG A 72 4.59 3.68 10.29
N ARG A 72 4.65 3.70 10.27
CA ARG A 72 3.67 4.44 11.13
CA ARG A 72 3.77 4.57 11.06
C ARG A 72 2.32 4.77 10.46
C ARG A 72 2.35 4.70 10.46
N VAL A 73 2.27 4.65 9.14
CA VAL A 73 1.02 4.83 8.40
C VAL A 73 0.88 3.68 7.41
N LEU A 74 -0.32 3.11 7.34
CA LEU A 74 -0.66 2.05 6.40
C LEU A 74 -1.68 2.67 5.44
N ILE A 75 -1.36 2.64 4.15
CA ILE A 75 -2.29 3.05 3.10
C ILE A 75 -2.59 1.80 2.28
N VAL A 76 -3.85 1.37 2.30
CA VAL A 76 -4.26 0.12 1.67
C VAL A 76 -4.99 0.39 0.37
N GLY A 77 -4.52 -0.26 -0.69
CA GLY A 77 -5.22 -0.31 -1.98
C GLY A 77 -5.68 -1.72 -2.28
N GLN A 78 -6.30 -1.95 -3.43
N GLN A 78 -6.35 -1.89 -3.42
CA GLN A 78 -6.83 -3.28 -3.71
CA GLN A 78 -6.89 -3.17 -3.85
C GLN A 78 -5.97 -4.11 -4.66
C GLN A 78 -5.81 -3.96 -4.60
N ASP A 79 -5.64 -3.58 -5.85
CA ASP A 79 -4.87 -4.34 -6.86
C ASP A 79 -3.88 -3.32 -7.49
N PRO A 80 -2.76 -3.80 -8.05
CA PRO A 80 -1.90 -2.87 -8.77
C PRO A 80 -2.56 -2.24 -10.00
N TYR A 81 -1.99 -1.13 -10.45
CA TYR A 81 -2.42 -0.56 -11.71
C TYR A 81 -2.33 -1.61 -12.81
N PRO A 82 -3.38 -1.69 -13.65
CA PRO A 82 -3.35 -2.68 -14.72
C PRO A 82 -2.66 -2.21 -16.02
N THR A 83 -2.39 -0.92 -16.13
CA THR A 83 -1.80 -0.37 -17.35
C THR A 83 -0.31 -0.66 -17.37
N PRO A 84 0.20 -1.20 -18.49
CA PRO A 84 1.64 -1.48 -18.52
C PRO A 84 2.50 -0.25 -18.18
N GLY A 85 3.50 -0.46 -17.35
CA GLY A 85 4.43 0.59 -17.01
C GLY A 85 4.01 1.47 -15.84
N HIS A 86 2.83 1.23 -15.27
CA HIS A 86 2.39 1.98 -14.09
C HIS A 86 2.76 1.34 -12.77
N ALA A 87 2.41 0.07 -12.56
CA ALA A 87 2.65 -0.57 -11.25
C ALA A 87 4.13 -0.74 -10.96
N VAL A 88 4.53 -0.34 -9.75
CA VAL A 88 5.92 -0.42 -9.31
C VAL A 88 6.08 -1.06 -7.94
N GLY A 89 5.01 -1.69 -7.42
CA GLY A 89 5.12 -2.41 -6.15
C GLY A 89 4.89 -1.62 -4.89
N LEU A 90 4.63 -0.33 -5.04
CA LEU A 90 4.12 0.52 -3.95
C LEU A 90 2.74 0.97 -4.39
N SER A 91 1.72 0.74 -3.58
CA SER A 91 0.37 1.13 -3.97
C SER A 91 0.32 2.60 -4.38
N PHE A 92 -0.35 2.85 -5.51
CA PHE A 92 -0.64 4.17 -6.08
C PHE A 92 0.53 4.87 -6.75
N SER A 93 1.75 4.46 -6.43
CA SER A 93 2.94 5.10 -7.00
C SER A 93 3.15 4.75 -8.48
N VAL A 94 3.81 5.64 -9.19
CA VAL A 94 4.33 5.30 -10.50
C VAL A 94 5.80 5.69 -10.63
N ALA A 95 6.47 5.16 -11.65
CA ALA A 95 7.88 5.46 -11.88
C ALA A 95 8.06 6.93 -12.21
N PRO A 96 9.25 7.48 -11.95
CA PRO A 96 9.39 8.93 -12.16
C PRO A 96 9.19 9.43 -13.60
N ASP A 97 9.36 8.56 -14.60
CA ASP A 97 9.17 8.95 -15.99
C ASP A 97 7.76 8.76 -16.53
N VAL A 98 6.86 8.28 -15.70
CA VAL A 98 5.47 8.10 -16.12
C VAL A 98 4.75 9.44 -16.18
N ARG A 99 4.11 9.70 -17.32
CA ARG A 99 3.32 10.90 -17.49
C ARG A 99 2.30 10.63 -18.60
N PRO A 100 1.08 11.17 -18.44
CA PRO A 100 0.56 11.79 -17.25
C PRO A 100 0.31 10.78 -16.14
N TRP A 101 0.03 11.30 -14.96
CA TRP A 101 -0.28 10.46 -13.82
C TRP A 101 -1.59 9.76 -14.02
N PRO A 102 -1.73 8.52 -13.51
CA PRO A 102 -3.05 7.90 -13.47
C PRO A 102 -4.06 8.75 -12.67
N ARG A 103 -5.35 8.64 -13.01
CA ARG A 103 -6.37 9.45 -12.35
C ARG A 103 -6.35 9.28 -10.82
N SER A 104 -6.17 8.07 -10.32
CA SER A 104 -6.16 7.86 -8.87
C SER A 104 -5.09 8.74 -8.23
N LEU A 105 -3.90 8.72 -8.83
CA LEU A 105 -2.78 9.47 -8.27
C LEU A 105 -2.95 10.99 -8.43
N ALA A 106 -3.47 11.42 -9.57
CA ALA A 106 -3.82 12.82 -9.75
C ALA A 106 -4.78 13.28 -8.64
N ASN A 107 -5.77 12.45 -8.32
CA ASN A 107 -6.70 12.80 -7.23
C ASN A 107 -6.02 12.85 -5.86
N ILE A 108 -5.15 11.87 -5.60
CA ILE A 108 -4.36 11.89 -4.38
C ILE A 108 -3.57 13.19 -4.26
N PHE A 109 -2.94 13.56 -5.36
CA PHE A 109 -2.12 14.78 -5.36
C PHE A 109 -2.95 16.06 -5.19
N ASP A 110 -4.14 16.09 -5.77
N ASP A 110 -4.17 16.07 -5.72
CA ASP A 110 -4.98 17.22 -5.53
CA ASP A 110 -5.08 17.19 -5.51
C ASP A 110 -5.25 17.34 -4.02
C ASP A 110 -5.49 17.35 -4.07
N GLU A 111 -5.65 16.23 -3.37
CA GLU A 111 -5.87 16.26 -1.94
C GLU A 111 -4.60 16.65 -1.14
N TYR A 112 -3.45 16.15 -1.57
CA TYR A 112 -2.17 16.51 -0.95
C TYR A 112 -2.01 18.03 -0.98
N THR A 113 -2.26 18.66 -2.13
CA THR A 113 -2.06 20.11 -2.21
C THR A 113 -3.08 20.84 -1.34
N ALA A 114 -4.32 20.37 -1.32
CA ALA A 114 -5.39 21.03 -0.57
C ALA A 114 -5.22 20.88 0.95
N ASP A 115 -4.83 19.68 1.36
CA ASP A 115 -4.67 19.35 2.76
C ASP A 115 -3.43 20.00 3.36
N LEU A 116 -2.32 19.91 2.65
CA LEU A 116 -1.01 20.30 3.21
C LEU A 116 -0.51 21.65 2.72
N GLY A 117 -1.07 22.16 1.62
CA GLY A 117 -0.67 23.46 1.09
C GLY A 117 0.58 23.45 0.22
N TYR A 118 1.13 22.26 -0.04
CA TYR A 118 2.29 22.10 -0.88
C TYR A 118 1.91 22.22 -2.34
N PRO A 119 2.87 22.62 -3.19
CA PRO A 119 2.58 22.59 -4.63
C PRO A 119 2.49 21.18 -5.19
N LEU A 120 1.96 21.04 -6.40
CA LEU A 120 1.90 19.73 -7.03
C LEU A 120 3.28 19.09 -7.09
N PRO A 121 3.37 17.78 -6.80
CA PRO A 121 4.65 17.12 -6.95
C PRO A 121 5.18 17.16 -8.39
N SER A 122 6.49 16.99 -8.53
CA SER A 122 7.16 16.95 -9.83
C SER A 122 6.86 15.69 -10.62
N ASN A 123 6.69 14.56 -9.94
CA ASN A 123 6.36 13.32 -10.61
C ASN A 123 5.58 12.42 -9.65
N GLY A 124 5.28 11.20 -10.10
CA GLY A 124 4.40 10.33 -9.37
C GLY A 124 5.06 9.32 -8.46
N ASP A 125 6.36 9.49 -8.20
CA ASP A 125 7.13 8.52 -7.41
C ASP A 125 6.94 8.77 -5.91
N LEU A 126 6.28 7.82 -5.22
CA LEU A 126 6.02 7.90 -3.79
C LEU A 126 7.07 7.24 -2.91
N THR A 127 8.21 6.87 -3.50
CA THR A 127 9.29 6.31 -2.71
C THR A 127 9.60 7.09 -1.42
N PRO A 128 9.61 8.45 -1.44
CA PRO A 128 9.92 9.14 -0.17
C PRO A 128 8.96 8.82 0.97
N TRP A 129 7.69 8.62 0.65
CA TRP A 129 6.72 8.22 1.67
C TRP A 129 7.08 6.84 2.25
N ALA A 130 7.46 5.89 1.40
CA ALA A 130 7.89 4.59 1.87
C ALA A 130 9.12 4.67 2.77
N GLN A 131 10.07 5.51 2.39
CA GLN A 131 11.28 5.69 3.18
C GLN A 131 10.96 6.19 4.58
N ARG A 132 9.93 7.04 4.65
CA ARG A 132 9.54 7.70 5.88
C ARG A 132 8.57 6.91 6.77
N GLY A 133 8.25 5.68 6.40
CA GLY A 133 7.38 4.84 7.22
C GLY A 133 5.92 4.77 6.82
N VAL A 134 5.63 5.11 5.56
CA VAL A 134 4.29 4.91 5.01
C VAL A 134 4.31 3.63 4.19
N LEU A 135 3.52 2.66 4.63
CA LEU A 135 3.42 1.37 3.95
C LEU A 135 2.33 1.46 2.90
N LEU A 136 2.73 1.38 1.63
CA LEU A 136 1.84 1.55 0.46
C LEU A 136 1.52 0.15 -0.01
N LEU A 137 0.52 -0.45 0.65
CA LEU A 137 0.23 -1.88 0.51
C LEU A 137 -1.02 -2.12 -0.32
N ASN A 138 -0.93 -2.96 -1.36
CA ASN A 138 -2.12 -3.46 -2.02
C ASN A 138 -2.51 -4.81 -1.41
N ARG A 139 -3.82 -5.10 -1.37
CA ARG A 139 -4.27 -6.40 -0.84
C ARG A 139 -3.83 -7.56 -1.74
N VAL A 140 -3.80 -7.28 -3.04
CA VAL A 140 -3.38 -8.21 -4.07
C VAL A 140 -2.17 -7.57 -4.75
N LEU A 141 -1.07 -8.32 -4.85
CA LEU A 141 0.24 -7.72 -5.22
C LEU A 141 0.63 -7.84 -6.69
N THR A 142 -0.16 -8.56 -7.48
CA THR A 142 0.08 -8.64 -8.91
C THR A 142 -1.24 -8.50 -9.67
N VAL A 143 -1.10 -8.26 -10.98
CA VAL A 143 -2.24 -8.16 -11.89
C VAL A 143 -1.77 -8.59 -13.29
N ARG A 144 -2.68 -9.12 -14.09
CA ARG A 144 -2.40 -9.36 -15.50
C ARG A 144 -2.58 -8.04 -16.25
N PRO A 145 -1.58 -7.60 -17.02
CA PRO A 145 -1.72 -6.30 -17.69
C PRO A 145 -2.99 -6.18 -18.50
N SER A 146 -3.62 -5.01 -18.42
CA SER A 146 -4.82 -4.66 -19.16
C SER A 146 -6.08 -5.38 -18.67
N ASN A 147 -5.96 -6.09 -17.54
CA ASN A 147 -7.05 -6.92 -17.02
C ASN A 147 -7.21 -6.61 -15.55
N PRO A 148 -7.93 -5.51 -15.26
CA PRO A 148 -8.03 -5.06 -13.88
C PRO A 148 -8.54 -6.16 -12.97
N ALA A 149 -7.94 -6.24 -11.78
CA ALA A 149 -8.37 -7.14 -10.71
C ALA A 149 -8.26 -8.63 -11.04
N SER A 150 -7.47 -8.97 -12.06
CA SER A 150 -7.39 -10.34 -12.55
C SER A 150 -6.69 -11.37 -11.64
N HIS A 151 -5.94 -10.93 -10.64
CA HIS A 151 -5.30 -11.87 -9.71
C HIS A 151 -5.96 -11.90 -8.35
N ARG A 152 -7.17 -11.37 -8.25
CA ARG A 152 -7.93 -11.58 -7.03
C ARG A 152 -8.17 -13.08 -6.83
N GLY A 153 -8.13 -13.53 -5.58
CA GLY A 153 -8.38 -14.94 -5.26
C GLY A 153 -7.33 -15.94 -5.64
N LYS A 154 -6.13 -15.46 -5.96
CA LYS A 154 -5.01 -16.31 -6.37
C LYS A 154 -4.02 -16.64 -5.25
N GLY A 155 -4.24 -16.08 -4.05
CA GLY A 155 -3.40 -16.39 -2.89
C GLY A 155 -2.79 -15.19 -2.19
N TRP A 156 -2.86 -13.99 -2.77
CA TRP A 156 -2.21 -12.86 -2.15
C TRP A 156 -2.95 -12.39 -0.89
N GLU A 157 -4.27 -12.58 -0.83
CA GLU A 157 -5.04 -12.02 0.26
C GLU A 157 -4.54 -12.55 1.61
N ALA A 158 -4.18 -13.84 1.69
CA ALA A 158 -3.66 -14.38 2.96
C ALA A 158 -2.33 -13.74 3.36
N VAL A 159 -1.50 -13.46 2.36
CA VAL A 159 -0.19 -12.87 2.63
C VAL A 159 -0.37 -11.45 3.20
N THR A 160 -1.20 -10.66 2.54
CA THR A 160 -1.37 -9.28 2.97
C THR A 160 -2.20 -9.16 4.24
N GLU A 161 -3.10 -10.10 4.49
CA GLU A 161 -3.78 -10.16 5.80
C GLU A 161 -2.78 -10.41 6.91
N CYS A 162 -1.86 -11.36 6.70
CA CYS A 162 -0.82 -11.63 7.69
C CYS A 162 -0.02 -10.35 7.94
N ALA A 163 0.34 -9.65 6.88
CA ALA A 163 1.12 -8.41 7.02
C ALA A 163 0.37 -7.39 7.88
N ILE A 164 -0.91 -7.19 7.57
CA ILE A 164 -1.69 -6.16 8.28
C ILE A 164 -1.90 -6.54 9.74
N ARG A 165 -2.25 -7.80 9.99
CA ARG A 165 -2.40 -8.27 11.38
C ARG A 165 -1.09 -8.14 12.13
N ALA A 166 0.05 -8.45 11.50
CA ALA A 166 1.34 -8.31 12.18
C ALA A 166 1.63 -6.86 12.56
N LEU A 167 1.32 -5.93 11.66
CA LEU A 167 1.49 -4.50 11.93
C LEU A 167 0.64 -4.07 13.10
N ALA A 168 -0.62 -4.49 13.10
CA ALA A 168 -1.58 -4.11 14.15
C ALA A 168 -1.16 -4.65 15.53
N ALA A 169 -0.47 -5.78 15.55
CA ALA A 169 -0.03 -6.39 16.81
C ALA A 169 1.19 -5.73 17.46
N ARG A 170 1.92 -4.90 16.71
CA ARG A 170 3.09 -4.22 17.26
C ARG A 170 2.65 -3.26 18.35
N ALA A 171 3.50 -3.00 19.34
CA ALA A 171 3.22 -1.98 20.33
C ALA A 171 3.24 -0.53 19.76
N ALA A 172 3.85 -0.36 18.59
CA ALA A 172 4.02 0.94 17.97
C ALA A 172 2.71 1.59 17.48
N PRO A 173 2.71 2.92 17.37
CA PRO A 173 1.58 3.60 16.77
C PRO A 173 1.40 3.27 15.29
N LEU A 174 0.15 3.23 14.87
CA LEU A 174 -0.18 3.08 13.47
C LEU A 174 -1.43 3.85 13.14
N VAL A 175 -1.42 4.54 12.01
CA VAL A 175 -2.64 5.12 11.44
C VAL A 175 -2.92 4.38 10.15
N ALA A 176 -4.15 3.90 9.99
CA ALA A 176 -4.57 3.20 8.77
C ALA A 176 -5.50 4.07 7.95
N ILE A 177 -5.21 4.10 6.65
CA ILE A 177 -5.98 4.85 5.64
C ILE A 177 -6.44 3.82 4.60
N LEU A 178 -7.74 3.66 4.43
CA LEU A 178 -8.28 2.56 3.61
C LEU A 178 -8.78 3.15 2.28
N TRP A 179 -7.98 2.95 1.21
CA TRP A 179 -8.24 3.52 -0.13
C TRP A 179 -8.66 2.45 -1.14
N GLY A 180 -9.03 1.29 -0.65
CA GLY A 180 -9.45 0.20 -1.51
C GLY A 180 -10.86 -0.28 -1.22
N ARG A 181 -11.64 0.56 -0.56
CA ARG A 181 -12.94 0.18 -0.05
C ARG A 181 -12.70 -1.09 0.81
N ASP A 182 -13.60 -2.05 0.85
CA ASP A 182 -13.31 -3.28 1.59
C ASP A 182 -13.09 -3.04 3.11
N ALA A 183 -13.63 -1.96 3.68
CA ALA A 183 -13.42 -1.65 5.08
C ALA A 183 -13.92 -2.75 6.02
N SER A 184 -15.07 -3.33 5.73
CA SER A 184 -15.60 -4.41 6.57
C SER A 184 -14.69 -5.66 6.59
N THR A 185 -13.84 -5.82 5.57
CA THR A 185 -12.86 -6.91 5.54
C THR A 185 -11.60 -6.53 6.30
N LEU A 186 -11.16 -5.29 6.14
CA LEU A 186 -9.94 -4.80 6.73
C LEU A 186 -10.02 -4.46 8.20
N LYS A 187 -11.12 -3.86 8.64
CA LYS A 187 -11.19 -3.40 10.01
C LYS A 187 -10.94 -4.50 11.05
N PRO A 188 -11.52 -5.71 10.85
CA PRO A 188 -11.20 -6.78 11.79
C PRO A 188 -9.71 -7.13 11.91
N MET A 189 -8.95 -6.93 10.84
CA MET A 189 -7.53 -7.22 10.85
C MET A 189 -6.78 -6.19 11.70
N LEU A 190 -7.36 -5.00 11.86
CA LEU A 190 -6.73 -3.90 12.59
C LEU A 190 -7.19 -3.79 14.05
N ALA A 191 -8.10 -4.67 14.44
CA ALA A 191 -8.81 -4.66 15.74
C ALA A 191 -7.97 -5.04 16.94
N ALA A 192 -7.10 -6.04 16.78
CA ALA A 192 -6.22 -6.49 17.89
C ALA A 192 -5.36 -5.36 18.41
N GLY A 193 -5.08 -4.40 17.52
CA GLY A 193 -4.19 -3.30 17.82
C GLY A 193 -4.57 -2.49 19.03
N ASN A 194 -3.56 -2.12 19.82
CA ASN A 194 -3.74 -1.23 20.95
C ASN A 194 -3.47 0.22 20.60
N CYS A 195 -2.57 0.47 19.64
CA CYS A 195 -2.23 1.83 19.24
C CYS A 195 -2.48 2.03 17.76
N VAL A 196 -3.63 1.54 17.30
CA VAL A 196 -4.02 1.67 15.89
C VAL A 196 -5.22 2.61 15.81
N ALA A 197 -5.09 3.63 14.97
CA ALA A 197 -6.21 4.51 14.66
C ALA A 197 -6.54 4.34 13.17
N ILE A 198 -7.80 4.15 12.86
CA ILE A 198 -8.25 3.97 11.49
C ILE A 198 -8.97 5.25 11.08
N GLU A 199 -8.57 5.84 9.97
CA GLU A 199 -9.30 7.00 9.47
C GLU A 199 -10.60 6.54 8.86
N SER A 200 -11.71 7.07 9.37
N SER A 200 -11.69 7.14 9.34
CA SER A 200 -13.02 6.84 8.77
CA SER A 200 -13.02 6.91 8.84
C SER A 200 -13.61 8.22 8.48
C SER A 200 -13.55 8.29 8.42
N PRO A 201 -14.54 8.33 7.50
CA PRO A 201 -15.05 7.26 6.64
C PRO A 201 -13.98 6.86 5.61
N HIS A 202 -14.37 6.05 4.63
CA HIS A 202 -13.41 5.41 3.75
C HIS A 202 -13.62 5.70 2.26
N PRO A 203 -13.58 6.98 1.88
CA PRO A 203 -13.58 7.30 0.45
C PRO A 203 -12.30 6.78 -0.18
N SER A 204 -12.37 6.44 -1.45
CA SER A 204 -11.18 6.11 -2.18
C SER A 204 -10.85 7.23 -3.16
N PRO A 205 -9.62 7.25 -3.71
CA PRO A 205 -9.26 8.37 -4.58
C PRO A 205 -10.24 8.63 -5.71
N LEU A 206 -10.78 7.57 -6.31
CA LEU A 206 -11.76 7.74 -7.39
C LEU A 206 -13.16 8.20 -6.93
N SER A 207 -13.41 8.20 -5.62
CA SER A 207 -14.60 8.87 -5.05
C SER A 207 -14.60 10.37 -5.39
N ALA A 208 -13.41 10.96 -5.54
CA ALA A 208 -13.23 12.35 -5.96
C ALA A 208 -14.10 13.28 -5.07
N SER A 209 -14.99 14.06 -5.64
CA SER A 209 -15.71 15.07 -4.89
C SER A 209 -16.88 14.54 -4.07
N ARG A 210 -17.10 13.23 -4.13
CA ARG A 210 -18.10 12.57 -3.33
C ARG A 210 -17.45 11.89 -2.13
N GLY A 211 -16.54 12.60 -1.48
CA GLY A 211 -16.00 12.22 -0.19
C GLY A 211 -14.49 12.24 -0.07
N PHE A 212 -13.76 12.09 -1.16
CA PHE A 212 -12.31 11.97 -1.05
C PHE A 212 -11.65 13.34 -0.89
N PHE A 213 -12.02 14.28 -1.75
CA PHE A 213 -11.48 15.61 -1.62
C PHE A 213 -12.03 16.21 -0.34
N GLY A 214 -11.14 16.77 0.46
CA GLY A 214 -11.50 17.26 1.79
C GLY A 214 -11.46 16.23 2.91
N SER A 215 -11.03 15.00 2.61
CA SER A 215 -10.93 13.97 3.63
C SER A 215 -9.70 14.18 4.54
N ARG A 216 -8.76 15.05 4.11
CA ARG A 216 -7.61 15.45 4.94
C ARG A 216 -6.81 14.28 5.51
N PRO A 217 -6.51 13.29 4.66
CA PRO A 217 -5.91 12.09 5.21
C PRO A 217 -4.51 12.31 5.77
N PHE A 218 -3.74 13.24 5.20
CA PHE A 218 -2.35 13.40 5.58
C PHE A 218 -2.22 14.17 6.88
N SER A 219 -2.94 15.30 6.96
CA SER A 219 -2.90 16.09 8.19
C SER A 219 -3.58 15.35 9.34
N ARG A 220 -4.67 14.62 9.08
CA ARG A 220 -5.29 13.82 10.14
C ARG A 220 -4.34 12.72 10.63
N ALA A 221 -3.61 12.09 9.72
CA ALA A 221 -2.68 11.05 10.14
C ALA A 221 -1.67 11.62 11.10
N ASN A 222 -1.15 12.81 10.76
CA ASN A 222 -0.18 13.42 11.63
C ASN A 222 -0.76 13.85 12.98
N GLU A 223 -1.98 14.39 12.98
CA GLU A 223 -2.66 14.71 14.24
C GLU A 223 -2.81 13.45 15.12
N LEU A 224 -3.15 12.33 14.51
CA LEU A 224 -3.33 11.08 15.23
C LEU A 224 -1.99 10.54 15.75
N LEU A 225 -0.95 10.62 14.92
CA LEU A 225 0.38 10.15 15.33
C LEU A 225 0.89 10.94 16.53
N VAL A 226 0.79 12.27 16.43
CA VAL A 226 1.28 13.13 17.50
C VAL A 226 0.47 12.89 18.76
N GLY A 227 -0.83 12.65 18.65
CA GLY A 227 -1.67 12.29 19.81
C GLY A 227 -1.33 10.94 20.45
N MET A 228 -0.66 10.07 19.69
CA MET A 228 -0.20 8.77 20.17
C MET A 228 1.27 8.77 20.60
N GLY A 229 1.90 9.95 20.56
CA GLY A 229 3.27 10.09 21.05
C GLY A 229 4.32 9.83 19.98
N ALA A 230 3.88 9.71 18.73
CA ALA A 230 4.80 9.48 17.61
C ALA A 230 5.12 10.78 16.87
N GLU A 231 6.22 10.75 16.13
CA GLU A 231 6.56 11.85 15.25
C GLU A 231 5.64 11.85 14.02
N PRO A 232 5.29 13.04 13.50
CA PRO A 232 4.52 13.12 12.25
C PRO A 232 5.36 12.67 11.05
N ILE A 233 4.67 12.29 9.98
CA ILE A 233 5.29 12.04 8.70
C ILE A 233 5.54 13.37 8.00
N ASP A 234 6.72 13.51 7.39
CA ASP A 234 6.96 14.61 6.44
C ASP A 234 6.44 14.11 5.10
N TRP A 235 5.27 14.62 4.70
CA TRP A 235 4.65 14.21 3.46
C TRP A 235 5.24 14.86 2.22
N ARG A 236 6.10 15.86 2.38
CA ARG A 236 6.51 16.67 1.22
C ARG A 236 7.26 15.84 0.17
N LEU A 237 6.76 15.87 -1.06
CA LEU A 237 7.41 15.22 -2.20
C LEU A 237 8.19 16.27 -3.00
N PRO A 238 9.24 15.82 -3.72
CA PRO A 238 10.01 16.74 -4.59
C PRO A 238 9.23 17.30 -5.81
N1 URA B . -3.30 1.53 -7.79
C2 URA B . -2.96 0.84 -6.74
O2 URA B . -1.73 0.50 -6.61
N3 URA B . -3.91 0.41 -5.87
C4 URA B . -5.20 0.69 -6.04
O4 URA B . -6.07 0.28 -5.24
C5 URA B . -5.56 1.46 -7.14
C6 URA B . -4.56 1.87 -8.01
CL CL C . -1.15 -11.37 -20.65
CL CL D . -6.44 5.24 -11.76
#